data_8CH2
#
_entry.id   8CH2
#
_cell.length_a   47.080
_cell.length_b   61.030
_cell.length_c   152.810
_cell.angle_alpha   90.00
_cell.angle_beta   90.00
_cell.angle_gamma   90.00
#
_symmetry.space_group_name_H-M   'P 21 21 21'
#
loop_
_entity.id
_entity.type
_entity.pdbx_description
1 polymer AccA
2 non-polymer 2-O-phosphono-alpha-L-arabinopyranose
3 non-polymer 2-O-phosphono-beta-L-arabinopyranose
4 non-polymer 1,2-ETHANEDIOL
5 water water
#
_entity_poly.entity_id   1
_entity_poly.type   'polypeptide(L)'
_entity_poly.pdbx_seq_one_letter_code
;SAERRALKIGVNGIPVTLEPINAISNVGPRIVNQIFDTLVVRDFFSNGAPGNGINLMPSLAESWERIDDKSVRFKLRQKV
MFHDGVEMTADDVAYTFSSERLWGPDAIKVIPLGGSYALDFDEPVVEDKYTVVIRTKTPTPLTESYMASWMGRIVPKAYY
KTLGTAAFGNKPVGTGPYKFVEFVANDRVVIEANDAYWGLKPTASKITYQLVAEPATRVAGLISGEYDIVTTLTPDDMAL
INSYPDLETRGNIVENFHMFTFNMNQPVFQSKPLRRALALAVNRPLIVQSLWMNKATIPNGFNFPNYGKTFDPNRRAMEY
NIEEAKRLVKESGYDGTPITYHTMGNYYANAVPALMMMIEMWKQIGVTVVPKVYAPGGAPKDQDSYMRNWSNGQWMTDAW
ATMICEFGPKGQVQKRWGWKAPAEFNDLCTKVSQIPDSKERFDAFNRLRDIFEEEAPAVILYQPFDVYAARKDVHWRPIS
FEMMEFRNNLAFGHHHHHH
;
_entity_poly.pdbx_strand_id   A
#
loop_
_chem_comp.id
_chem_comp.type
_chem_comp.name
_chem_comp.formula
EDO non-polymer 1,2-ETHANEDIOL 'C2 H6 O2'
LAO L-saccharide, alpha linking 2-O-phosphono-alpha-L-arabinopyranose 'C5 H11 O8 P'
VDF L-saccharide, beta linking 2-O-phosphono-beta-L-arabinopyranose 'C5 H11 O8 P'
#
# COMPACT_ATOMS: atom_id res chain seq x y z
N GLU A 3 -21.32 -19.50 18.07
CA GLU A 3 -21.89 -18.48 17.20
C GLU A 3 -20.84 -17.43 16.77
N ARG A 4 -19.97 -16.93 17.68
CA ARG A 4 -18.89 -16.03 17.30
C ARG A 4 -17.59 -16.71 17.63
N ARG A 5 -16.89 -17.12 16.61
CA ARG A 5 -15.65 -17.83 16.78
C ARG A 5 -14.44 -16.94 16.91
N ALA A 6 -13.38 -17.40 17.54
CA ALA A 6 -12.10 -16.77 17.62
C ALA A 6 -11.34 -17.15 16.36
N LEU A 7 -11.03 -16.18 15.50
CA LEU A 7 -10.36 -16.46 14.25
C LEU A 7 -8.87 -16.44 14.38
N LYS A 8 -8.19 -17.38 13.70
CA LYS A 8 -6.75 -17.51 13.70
C LYS A 8 -6.32 -17.33 12.26
N ILE A 9 -5.57 -16.30 11.95
CA ILE A 9 -5.17 -15.94 10.61
C ILE A 9 -3.68 -16.06 10.46
N GLY A 10 -3.23 -16.93 9.56
CA GLY A 10 -1.80 -17.08 9.27
C GLY A 10 -1.41 -16.12 8.19
N VAL A 11 -0.58 -15.12 8.54
CA VAL A 11 -0.23 -14.04 7.63
C VAL A 11 1.22 -14.06 7.20
N ASN A 12 1.50 -13.40 6.07
CA ASN A 12 2.86 -13.26 5.50
C ASN A 12 3.74 -12.32 6.30
N GLY A 13 3.15 -11.40 7.06
CA GLY A 13 3.89 -10.39 7.81
C GLY A 13 3.00 -9.61 8.75
N ILE A 14 3.65 -8.82 9.63
CA ILE A 14 2.99 -8.01 10.65
C ILE A 14 3.56 -6.59 10.49
N PRO A 15 2.71 -5.56 10.54
CA PRO A 15 3.24 -4.21 10.42
C PRO A 15 4.16 -3.83 11.56
N VAL A 16 4.97 -2.81 11.32
CA VAL A 16 5.91 -2.34 12.34
C VAL A 16 5.24 -1.55 13.48
N THR A 17 4.03 -1.12 13.26
CA THR A 17 3.24 -0.31 14.17
C THR A 17 1.77 -0.43 13.77
N LEU A 18 0.87 -0.03 14.66
CA LEU A 18 -0.55 0.01 14.37
C LEU A 18 -1.08 1.44 14.26
N GLU A 19 -0.19 2.44 14.21
CA GLU A 19 -0.61 3.79 13.85
C GLU A 19 -1.05 3.69 12.36
N PRO A 20 -2.22 4.17 11.99
CA PRO A 20 -2.80 3.72 10.72
C PRO A 20 -2.05 4.15 9.47
N ILE A 21 -1.42 5.28 9.48
CA ILE A 21 -0.65 5.74 8.29
C ILE A 21 0.71 5.07 8.28
N ASN A 22 1.41 5.03 9.42
CA ASN A 22 2.70 4.36 9.48
C ASN A 22 2.59 2.83 9.27
N ALA A 23 1.40 2.25 9.42
CA ALA A 23 1.16 0.85 9.13
C ALA A 23 0.91 0.60 7.67
N ILE A 24 0.84 1.61 6.80
CA ILE A 24 0.58 1.41 5.36
C ILE A 24 1.71 0.55 4.79
N SER A 25 1.29 -0.58 4.24
CA SER A 25 2.14 -1.68 3.81
C SER A 25 1.21 -2.75 3.28
N ASN A 26 1.78 -3.84 2.77
CA ASN A 26 0.94 -4.96 2.36
C ASN A 26 0.24 -5.63 3.55
N VAL A 27 0.81 -5.51 4.78
CA VAL A 27 0.39 -6.28 5.95
C VAL A 27 -0.34 -5.50 7.06
N GLY A 28 -0.33 -4.19 6.98
CA GLY A 28 -0.95 -3.35 8.00
C GLY A 28 -2.43 -3.14 7.83
N PRO A 29 -2.91 -2.77 6.65
CA PRO A 29 -4.32 -2.50 6.45
C PRO A 29 -5.25 -3.60 6.88
N ARG A 30 -4.94 -4.86 6.66
CA ARG A 30 -5.84 -5.91 7.08
C ARG A 30 -6.14 -5.90 8.59
N ILE A 31 -5.24 -5.39 9.38
CA ILE A 31 -5.42 -5.27 10.84
C ILE A 31 -6.01 -3.89 11.17
N VAL A 32 -5.42 -2.79 10.68
CA VAL A 32 -5.89 -1.46 11.07
C VAL A 32 -7.29 -1.18 10.56
N ASN A 33 -7.73 -1.80 9.46
CA ASN A 33 -9.08 -1.54 9.00
CA ASN A 33 -9.08 -1.63 8.95
C ASN A 33 -10.13 -2.10 9.97
N GLN A 34 -9.74 -3.00 10.89
CA GLN A 34 -10.69 -3.52 11.89
C GLN A 34 -10.70 -2.65 13.15
N ILE A 35 -9.60 -1.95 13.42
CA ILE A 35 -9.46 -1.11 14.59
C ILE A 35 -10.03 0.29 14.40
N PHE A 36 -9.94 0.80 13.17
CA PHE A 36 -10.32 2.15 12.86
C PHE A 36 -11.36 2.22 11.78
N ASP A 37 -12.07 3.34 11.72
CA ASP A 37 -13.03 3.65 10.68
C ASP A 37 -12.55 4.86 9.87
N THR A 38 -13.22 5.09 8.74
CA THR A 38 -13.08 6.26 7.90
C THR A 38 -14.40 7.03 7.89
N LEU A 39 -14.37 8.28 7.38
CA LEU A 39 -15.57 9.08 7.24
C LEU A 39 -16.56 8.50 6.24
N VAL A 40 -16.01 8.03 5.12
CA VAL A 40 -16.80 7.46 4.02
C VAL A 40 -16.09 6.20 3.59
N VAL A 41 -16.80 5.34 2.89
CA VAL A 41 -16.25 4.08 2.38
C VAL A 41 -16.60 3.92 0.89
N ARG A 42 -15.74 3.22 0.18
CA ARG A 42 -16.00 2.86 -1.20
C ARG A 42 -16.97 1.70 -1.27
N ASP A 43 -17.90 1.74 -2.20
CA ASP A 43 -18.77 0.60 -2.50
C ASP A 43 -18.06 -0.15 -3.59
N PHE A 44 -17.44 -1.27 -3.21
CA PHE A 44 -16.65 -2.04 -4.15
C PHE A 44 -17.51 -2.75 -5.24
N PHE A 45 -18.83 -2.69 -5.16
CA PHE A 45 -19.71 -3.33 -6.14
C PHE A 45 -20.69 -2.35 -6.77
N SER A 46 -20.35 -1.06 -6.79
CA SER A 46 -21.16 -0.03 -7.44
C SER A 46 -20.86 -0.03 -8.94
N ASN A 47 -21.81 0.42 -9.72
CA ASN A 47 -21.67 0.44 -11.18
C ASN A 47 -21.25 -0.92 -11.80
N GLY A 48 -21.75 -2.03 -11.25
CA GLY A 48 -21.48 -3.38 -11.73
C GLY A 48 -20.06 -3.89 -11.55
N ALA A 49 -19.24 -3.21 -10.73
CA ALA A 49 -17.84 -3.57 -10.56
C ALA A 49 -17.66 -4.86 -9.75
N PRO A 50 -16.69 -5.76 -10.09
CA PRO A 50 -16.56 -7.02 -9.34
C PRO A 50 -15.58 -6.95 -8.15
N GLY A 51 -15.70 -5.91 -7.33
CA GLY A 51 -14.85 -5.75 -6.15
C GLY A 51 -13.88 -4.60 -6.22
N ASN A 52 -14.02 -3.70 -7.22
CA ASN A 52 -13.15 -2.51 -7.34
C ASN A 52 -13.96 -1.23 -7.66
N GLY A 53 -15.22 -1.20 -7.22
CA GLY A 53 -16.14 -0.09 -7.39
C GLY A 53 -15.67 1.12 -6.60
N ILE A 54 -16.21 2.28 -6.94
CA ILE A 54 -15.72 3.54 -6.40
C ILE A 54 -16.79 4.51 -5.85
N ASN A 55 -18.13 4.27 -5.97
CA ASN A 55 -19.14 5.16 -5.38
C ASN A 55 -18.90 5.25 -3.88
N LEU A 56 -19.05 6.42 -3.29
CA LEU A 56 -18.77 6.60 -1.88
C LEU A 56 -20.04 6.55 -1.06
N MET A 57 -19.95 5.95 0.11
N MET A 57 -19.96 5.87 0.09
CA MET A 57 -21.07 5.72 0.99
CA MET A 57 -21.08 5.66 1.01
C MET A 57 -20.72 6.20 2.41
C MET A 57 -20.72 6.17 2.41
N PRO A 58 -21.75 6.55 3.20
CA PRO A 58 -21.48 7.02 4.57
C PRO A 58 -20.82 6.01 5.44
N SER A 59 -20.08 6.49 6.41
CA SER A 59 -19.47 5.66 7.46
C SER A 59 -19.48 6.49 8.74
N LEU A 60 -18.30 6.99 9.21
CA LEU A 60 -18.34 7.91 10.36
C LEU A 60 -19.04 9.21 10.04
N ALA A 61 -19.01 9.63 8.76
CA ALA A 61 -19.81 10.74 8.31
C ALA A 61 -21.15 10.20 7.83
N GLU A 62 -22.24 10.73 8.31
CA GLU A 62 -23.55 10.34 7.82
C GLU A 62 -23.90 11.07 6.53
N SER A 63 -23.32 12.25 6.29
CA SER A 63 -23.54 12.97 5.05
C SER A 63 -22.39 13.90 4.84
N TRP A 64 -22.25 14.35 3.60
CA TRP A 64 -21.20 15.27 3.25
C TRP A 64 -21.57 16.08 2.05
N GLU A 65 -21.06 17.32 1.96
N GLU A 65 -20.92 17.22 1.87
CA GLU A 65 -21.40 18.26 0.89
CA GLU A 65 -21.18 18.04 0.71
C GLU A 65 -20.12 18.98 0.43
C GLU A 65 -19.95 18.81 0.37
N ARG A 66 -19.69 18.87 -0.89
CA ARG A 66 -18.61 19.67 -1.43
C ARG A 66 -19.16 21.09 -1.52
N ILE A 67 -18.51 22.07 -0.86
CA ILE A 67 -18.96 23.46 -0.86
C ILE A 67 -18.37 24.20 -2.04
N ASP A 68 -17.12 24.00 -2.29
CA ASP A 68 -16.36 24.64 -3.37
C ASP A 68 -15.17 23.77 -3.75
N ASP A 69 -14.32 24.27 -4.64
CA ASP A 69 -13.26 23.47 -5.15
C ASP A 69 -12.15 23.17 -4.13
N LYS A 70 -12.24 23.68 -2.93
CA LYS A 70 -11.24 23.51 -1.86
C LYS A 70 -11.84 23.00 -0.56
N SER A 71 -13.13 22.78 -0.44
CA SER A 71 -13.76 22.59 0.86
C SER A 71 -14.89 21.61 0.81
N VAL A 72 -14.92 20.62 1.74
CA VAL A 72 -15.92 19.60 1.86
C VAL A 72 -16.41 19.53 3.29
N ARG A 73 -17.67 19.69 3.52
CA ARG A 73 -18.28 19.60 4.85
C ARG A 73 -18.74 18.21 5.14
N PHE A 74 -18.37 17.64 6.27
CA PHE A 74 -18.79 16.34 6.73
C PHE A 74 -19.65 16.48 7.95
N LYS A 75 -20.83 15.86 7.99
CA LYS A 75 -21.72 15.79 9.14
C LYS A 75 -21.50 14.42 9.72
N LEU A 76 -21.07 14.37 10.98
CA LEU A 76 -20.69 13.16 11.65
C LEU A 76 -21.80 12.45 12.35
N ARG A 77 -21.70 11.13 12.39
CA ARG A 77 -22.55 10.36 13.28
C ARG A 77 -22.35 10.80 14.73
N GLN A 78 -23.39 10.72 15.54
CA GLN A 78 -23.36 11.12 16.91
C GLN A 78 -23.26 9.87 17.80
N LYS A 79 -22.67 10.02 18.97
CA LYS A 79 -22.57 8.97 19.98
C LYS A 79 -21.69 7.80 19.52
N VAL A 80 -20.76 8.04 18.57
CA VAL A 80 -19.76 7.07 18.21
C VAL A 80 -18.72 7.05 19.32
N MET A 81 -18.37 5.90 19.85
CA MET A 81 -17.40 5.77 20.92
C MET A 81 -16.10 5.21 20.46
N PHE A 82 -15.03 5.89 20.81
CA PHE A 82 -13.70 5.29 20.74
C PHE A 82 -13.65 4.11 21.75
N HIS A 83 -12.68 3.23 21.62
CA HIS A 83 -12.59 2.04 22.44
C HIS A 83 -12.40 2.35 23.91
N ASP A 84 -11.89 3.53 24.25
CA ASP A 84 -11.72 3.91 25.66
C ASP A 84 -12.92 4.68 26.21
N GLY A 85 -14.04 4.72 25.51
CA GLY A 85 -15.24 5.36 25.98
C GLY A 85 -15.40 6.83 25.69
N VAL A 86 -14.43 7.46 24.99
CA VAL A 86 -14.53 8.86 24.67
C VAL A 86 -15.37 8.97 23.38
N GLU A 87 -16.28 9.90 23.32
CA GLU A 87 -17.11 10.10 22.14
C GLU A 87 -16.29 10.79 21.08
N MET A 88 -16.41 10.31 19.85
CA MET A 88 -15.78 10.94 18.70
C MET A 88 -16.56 12.21 18.36
N THR A 89 -15.82 13.26 18.09
CA THR A 89 -16.41 14.51 17.65
C THR A 89 -15.61 15.09 16.50
N ALA A 90 -16.09 16.21 15.96
CA ALA A 90 -15.41 16.93 14.94
C ALA A 90 -13.96 17.29 15.31
N ASP A 91 -13.65 17.45 16.61
CA ASP A 91 -12.28 17.76 16.99
C ASP A 91 -11.31 16.64 16.60
N ASP A 92 -11.77 15.39 16.72
CA ASP A 92 -10.95 14.22 16.39
C ASP A 92 -10.69 14.16 14.90
N VAL A 93 -11.73 14.40 14.09
CA VAL A 93 -11.57 14.39 12.65
C VAL A 93 -10.63 15.54 12.22
N ALA A 94 -10.83 16.72 12.77
CA ALA A 94 -9.95 17.85 12.48
C ALA A 94 -8.50 17.52 12.81
N TYR A 95 -8.27 16.91 13.97
CA TYR A 95 -6.89 16.55 14.38
C TYR A 95 -6.29 15.54 13.43
N THR A 96 -7.08 14.57 12.98
CA THR A 96 -6.59 13.55 12.06
C THR A 96 -5.96 14.15 10.82
N PHE A 97 -6.55 15.24 10.32
CA PHE A 97 -6.04 15.87 9.08
C PHE A 97 -5.38 17.24 9.36
N SER A 98 -4.85 17.43 10.54
CA SER A 98 -4.26 18.69 10.96
C SER A 98 -2.80 18.81 10.54
N SER A 99 -2.32 20.07 10.54
N SER A 99 -2.29 20.08 10.51
CA SER A 99 -0.92 20.34 10.29
CA SER A 99 -0.86 20.26 10.25
C SER A 99 -0.06 19.66 11.40
C SER A 99 -0.05 19.60 11.39
N GLU A 100 -0.54 19.72 12.65
CA GLU A 100 0.21 19.15 13.76
C GLU A 100 0.45 17.66 13.65
N ARG A 101 -0.58 16.92 13.26
CA ARG A 101 -0.50 15.48 13.25
C ARG A 101 -0.06 14.92 11.93
N LEU A 102 -0.49 15.53 10.82
CA LEU A 102 -0.33 14.91 9.52
C LEU A 102 0.65 15.58 8.55
N TRP A 103 0.42 16.85 8.18
CA TRP A 103 1.06 17.42 7.01
C TRP A 103 1.96 18.60 7.26
N GLY A 104 2.12 19.04 8.49
CA GLY A 104 3.03 20.13 8.80
C GLY A 104 4.46 19.64 8.87
N PRO A 105 5.41 20.58 9.04
CA PRO A 105 6.82 20.18 9.05
C PRO A 105 7.24 19.21 10.14
N ASP A 106 6.76 19.38 11.38
CA ASP A 106 7.13 18.46 12.47
C ASP A 106 6.42 17.10 12.36
N ALA A 107 5.18 17.11 11.84
CA ALA A 107 4.43 15.88 11.65
C ALA A 107 5.12 14.98 10.66
N ILE A 108 5.64 15.56 9.56
CA ILE A 108 6.30 14.78 8.51
C ILE A 108 7.51 14.01 9.06
N LYS A 109 8.11 14.43 10.16
CA LYS A 109 9.23 13.73 10.76
C LYS A 109 8.84 12.42 11.39
N VAL A 110 7.60 12.34 11.93
CA VAL A 110 7.11 11.14 12.61
C VAL A 110 6.14 10.34 11.73
N ILE A 111 5.55 10.94 10.67
CA ILE A 111 4.70 10.27 9.70
C ILE A 111 5.20 10.76 8.32
N PRO A 112 6.20 10.06 7.74
CA PRO A 112 6.77 10.53 6.45
C PRO A 112 5.76 10.60 5.30
N LEU A 113 4.75 9.71 5.29
CA LEU A 113 3.71 9.79 4.25
C LEU A 113 2.82 11.00 4.35
N GLY A 114 2.86 11.72 5.48
CA GLY A 114 2.18 12.99 5.62
C GLY A 114 2.77 14.07 4.72
N GLY A 115 3.98 13.89 4.27
CA GLY A 115 4.63 14.83 3.36
C GLY A 115 4.44 14.49 1.89
N SER A 116 4.09 13.25 1.59
CA SER A 116 3.94 12.79 0.21
C SER A 116 2.60 12.23 -0.19
N TYR A 117 1.93 11.58 0.75
CA TYR A 117 0.60 11.04 0.51
C TYR A 117 -0.53 11.97 0.93
N ALA A 118 -0.25 13.08 1.59
CA ALA A 118 -1.26 14.04 1.93
C ALA A 118 -1.67 14.77 0.68
N LEU A 119 -2.94 15.15 0.65
CA LEU A 119 -3.39 16.18 -0.28
C LEU A 119 -2.80 17.53 0.20
N ASP A 120 -2.95 18.59 -0.58
CA ASP A 120 -2.43 19.90 -0.20
C ASP A 120 -3.39 20.53 0.82
N PHE A 121 -3.51 19.92 2.01
CA PHE A 121 -4.46 20.36 3.00
C PHE A 121 -4.17 21.75 3.57
N ASP A 122 -5.25 22.42 3.97
CA ASP A 122 -5.17 23.53 4.90
C ASP A 122 -5.80 23.00 6.20
N GLU A 123 -5.77 23.81 7.25
CA GLU A 123 -6.27 23.34 8.53
C GLU A 123 -7.78 23.10 8.52
N PRO A 124 -8.26 21.93 8.97
CA PRO A 124 -9.70 21.74 9.05
C PRO A 124 -10.38 22.77 9.90
N VAL A 125 -11.67 22.99 9.67
CA VAL A 125 -12.46 23.90 10.48
C VAL A 125 -13.56 23.12 11.17
N VAL A 126 -13.68 23.23 12.47
CA VAL A 126 -14.74 22.63 13.25
C VAL A 126 -15.86 23.64 13.35
N GLU A 127 -17.03 23.33 12.77
CA GLU A 127 -18.17 24.25 12.84
C GLU A 127 -19.01 24.03 14.07
N ASP A 128 -19.17 22.78 14.48
CA ASP A 128 -19.88 22.42 15.67
C ASP A 128 -19.44 21.02 16.09
N LYS A 129 -19.98 20.47 17.18
CA LYS A 129 -19.50 19.24 17.73
C LYS A 129 -19.44 18.11 16.69
N TYR A 130 -20.39 18.09 15.76
CA TYR A 130 -20.51 17.01 14.78
C TYR A 130 -20.36 17.49 13.36
N THR A 131 -19.68 18.61 13.11
CA THR A 131 -19.57 19.11 11.74
C THR A 131 -18.16 19.63 11.52
N VAL A 132 -17.48 19.13 10.52
CA VAL A 132 -16.11 19.50 10.20
C VAL A 132 -15.98 19.77 8.72
N VAL A 133 -15.17 20.76 8.36
CA VAL A 133 -14.90 21.11 6.98
C VAL A 133 -13.45 20.81 6.71
N ILE A 134 -13.21 19.94 5.77
CA ILE A 134 -11.90 19.54 5.30
C ILE A 134 -11.56 20.44 4.13
N ARG A 135 -10.42 21.09 4.20
CA ARG A 135 -9.98 22.11 3.26
C ARG A 135 -8.68 21.79 2.62
N THR A 136 -8.48 22.27 1.39
CA THR A 136 -7.21 22.22 0.71
C THR A 136 -6.80 23.65 0.35
N LYS A 137 -5.50 23.88 0.30
CA LYS A 137 -4.97 25.20 -0.01
C LYS A 137 -5.12 25.52 -1.50
N THR A 138 -5.13 24.49 -2.36
CA THR A 138 -5.34 24.63 -3.78
C THR A 138 -6.51 23.71 -4.16
N PRO A 139 -7.14 23.90 -5.31
CA PRO A 139 -8.28 23.07 -5.68
C PRO A 139 -7.86 21.61 -5.88
N THR A 140 -8.77 20.69 -5.51
CA THR A 140 -8.60 19.29 -5.88
C THR A 140 -9.94 18.60 -5.83
N PRO A 141 -10.21 17.70 -6.74
CA PRO A 141 -11.47 16.93 -6.68
C PRO A 141 -11.32 15.66 -5.85
N LEU A 142 -10.15 15.38 -5.29
CA LEU A 142 -9.91 14.07 -4.69
C LEU A 142 -10.23 13.97 -3.24
N THR A 143 -10.67 15.03 -2.58
CA THR A 143 -10.88 14.99 -1.15
C THR A 143 -11.76 13.85 -0.66
N GLU A 144 -12.92 13.69 -1.29
CA GLU A 144 -13.91 12.76 -0.81
C GLU A 144 -13.41 11.34 -0.95
N SER A 145 -12.88 10.99 -2.09
CA SER A 145 -12.33 9.63 -2.26
C SER A 145 -11.14 9.41 -1.39
N TYR A 146 -10.30 10.41 -1.15
CA TYR A 146 -9.18 10.29 -0.25
C TYR A 146 -9.65 9.87 1.15
N MET A 147 -10.79 10.37 1.59
CA MET A 147 -11.30 10.03 2.90
CA MET A 147 -11.34 10.06 2.92
C MET A 147 -11.73 8.60 3.03
N ALA A 148 -11.91 7.86 1.96
CA ALA A 148 -12.22 6.42 2.01
C ALA A 148 -10.92 5.62 1.99
N SER A 149 -9.75 6.24 1.79
CA SER A 149 -8.52 5.55 1.60
C SER A 149 -7.86 5.20 2.92
N TRP A 150 -6.72 4.50 2.78
CA TRP A 150 -5.91 4.19 3.92
C TRP A 150 -5.27 5.38 4.61
N MET A 151 -5.38 6.60 4.03
CA MET A 151 -4.95 7.80 4.74
C MET A 151 -6.05 8.37 5.64
N GLY A 152 -7.28 7.90 5.52
CA GLY A 152 -8.41 8.52 6.18
C GLY A 152 -8.87 7.97 7.49
N ARG A 153 -8.13 7.04 8.08
CA ARG A 153 -8.58 6.41 9.33
CA ARG A 153 -8.60 6.43 9.33
C ARG A 153 -8.55 7.44 10.46
N ILE A 154 -9.64 7.55 11.22
CA ILE A 154 -9.85 8.57 12.24
C ILE A 154 -9.25 8.19 13.56
N VAL A 155 -8.39 9.04 14.13
CA VAL A 155 -7.73 8.84 15.41
C VAL A 155 -8.33 9.75 16.48
N PRO A 156 -8.19 9.35 17.75
CA PRO A 156 -8.72 10.15 18.86
C PRO A 156 -7.72 11.23 19.22
N LYS A 157 -8.13 12.50 19.13
CA LYS A 157 -7.21 13.60 19.32
C LYS A 157 -6.56 13.57 20.69
N ALA A 158 -7.33 13.56 21.79
CA ALA A 158 -6.69 13.77 23.09
C ALA A 158 -5.69 12.68 23.40
N TYR A 159 -6.12 11.45 23.22
CA TYR A 159 -5.30 10.27 23.53
C TYR A 159 -4.08 10.18 22.60
N TYR A 160 -4.29 10.36 21.33
CA TYR A 160 -3.17 10.28 20.36
C TYR A 160 -2.17 11.39 20.65
N LYS A 161 -2.65 12.64 20.82
CA LYS A 161 -1.73 13.76 21.06
C LYS A 161 -0.93 13.58 22.32
N THR A 162 -1.58 13.06 23.36
CA THR A 162 -0.88 12.82 24.64
C THR A 162 0.24 11.80 24.46
N LEU A 163 -0.05 10.69 23.77
CA LEU A 163 0.95 9.63 23.62
CA LEU A 163 0.98 9.64 23.63
C LEU A 163 2.03 9.98 22.58
N GLY A 164 1.63 10.62 21.53
CA GLY A 164 2.43 10.89 20.36
C GLY A 164 2.30 9.72 19.40
N THR A 165 2.63 9.99 18.16
CA THR A 165 2.52 9.04 17.04
C THR A 165 3.12 7.66 17.35
N ALA A 166 4.37 7.59 17.79
CA ALA A 166 5.05 6.32 17.99
C ALA A 166 4.42 5.48 19.09
N ALA A 167 4.21 6.07 20.28
CA ALA A 167 3.58 5.37 21.38
C ALA A 167 2.12 4.99 21.09
N PHE A 168 1.39 5.83 20.37
CA PHE A 168 0.01 5.50 19.98
C PHE A 168 0.00 4.21 19.14
N GLY A 169 1.00 4.09 18.25
CA GLY A 169 1.10 2.92 17.40
C GLY A 169 1.30 1.61 18.12
N ASN A 170 1.73 1.63 19.37
CA ASN A 170 1.88 0.44 20.17
C ASN A 170 0.66 0.14 21.05
N LYS A 171 -0.28 1.11 21.19
CA LYS A 171 -1.48 0.96 21.99
C LYS A 171 -2.61 1.72 21.33
N PRO A 172 -2.99 1.31 20.13
CA PRO A 172 -3.99 2.09 19.36
C PRO A 172 -5.38 2.07 19.92
N VAL A 173 -6.10 3.19 19.79
CA VAL A 173 -7.49 3.33 20.15
C VAL A 173 -8.18 3.91 18.92
N GLY A 174 -9.24 3.25 18.48
CA GLY A 174 -10.03 3.65 17.34
C GLY A 174 -11.52 3.55 17.62
N THR A 175 -12.32 3.67 16.56
CA THR A 175 -13.78 3.48 16.65
C THR A 175 -14.28 2.21 16.03
N GLY A 176 -13.37 1.40 15.48
CA GLY A 176 -13.73 0.26 14.70
C GLY A 176 -14.32 -0.91 15.46
N PRO A 177 -14.76 -1.92 14.71
CA PRO A 177 -15.46 -3.07 15.30
C PRO A 177 -14.64 -4.01 16.12
N TYR A 178 -13.32 -3.88 16.09
CA TYR A 178 -12.44 -4.67 16.95
C TYR A 178 -11.48 -3.75 17.65
N LYS A 179 -11.17 -4.08 18.91
CA LYS A 179 -10.31 -3.28 19.74
C LYS A 179 -9.02 -3.96 20.04
N PHE A 180 -7.98 -3.18 20.22
CA PHE A 180 -6.65 -3.68 20.47
C PHE A 180 -6.54 -4.51 21.73
N VAL A 181 -5.83 -5.64 21.64
CA VAL A 181 -5.48 -6.47 22.80
C VAL A 181 -3.94 -6.51 22.94
N GLU A 182 -3.21 -6.96 21.92
CA GLU A 182 -1.77 -7.18 21.99
C GLU A 182 -1.07 -7.03 20.67
N PHE A 183 0.19 -6.62 20.72
CA PHE A 183 1.05 -6.48 19.57
C PHE A 183 2.43 -6.95 19.97
N VAL A 184 2.90 -8.04 19.34
CA VAL A 184 4.25 -8.58 19.56
C VAL A 184 4.93 -8.39 18.24
N ALA A 185 5.92 -7.49 18.18
CA ALA A 185 6.64 -7.18 16.94
C ALA A 185 7.17 -8.44 16.28
N ASN A 186 7.00 -8.54 14.94
CA ASN A 186 7.48 -9.69 14.17
C ASN A 186 6.85 -11.02 14.54
N ASP A 187 5.65 -10.98 15.16
CA ASP A 187 5.02 -12.21 15.58
C ASP A 187 3.48 -12.17 15.47
N ARG A 188 2.79 -11.29 16.21
CA ARG A 188 1.32 -11.35 16.22
C ARG A 188 0.67 -10.09 16.66
N VAL A 189 -0.62 -9.95 16.27
CA VAL A 189 -1.54 -8.95 16.75
C VAL A 189 -2.81 -9.65 17.15
N VAL A 190 -3.37 -9.30 18.31
CA VAL A 190 -4.66 -9.81 18.75
C VAL A 190 -5.59 -8.63 18.96
N ILE A 191 -6.79 -8.71 18.43
CA ILE A 191 -7.87 -7.75 18.59
C ILE A 191 -9.11 -8.48 18.98
N GLU A 192 -10.02 -7.81 19.70
CA GLU A 192 -11.24 -8.44 20.20
C GLU A 192 -12.47 -7.68 19.83
N ALA A 193 -13.63 -8.36 19.80
CA ALA A 193 -14.89 -7.73 19.41
C ALA A 193 -15.20 -6.52 20.25
N ASN A 194 -15.56 -5.41 19.60
CA ASN A 194 -16.04 -4.20 20.23
C ASN A 194 -17.54 -4.18 20.07
N ASP A 195 -18.29 -4.68 21.05
CA ASP A 195 -19.73 -4.68 20.97
C ASP A 195 -20.36 -3.32 21.22
N ALA A 196 -19.56 -2.27 21.52
CA ALA A 196 -20.04 -0.90 21.56
C ALA A 196 -19.89 -0.25 20.19
N TYR A 197 -19.55 -1.00 19.16
CA TYR A 197 -19.42 -0.47 17.79
C TYR A 197 -20.73 0.19 17.36
N TRP A 198 -20.61 1.30 16.63
CA TRP A 198 -21.78 2.01 16.12
C TRP A 198 -22.49 1.30 15.01
N GLY A 199 -21.78 0.47 14.28
CA GLY A 199 -22.27 -0.22 13.09
C GLY A 199 -22.73 -1.63 13.37
N LEU A 200 -22.66 -2.53 12.40
CA LEU A 200 -23.08 -3.89 12.58
C LEU A 200 -22.27 -4.54 13.71
N LYS A 201 -22.91 -5.34 14.51
CA LYS A 201 -22.23 -6.03 15.60
C LYS A 201 -21.13 -6.92 15.03
N PRO A 202 -19.94 -6.95 15.63
CA PRO A 202 -18.88 -7.86 15.17
C PRO A 202 -19.36 -9.31 15.19
N THR A 203 -18.93 -10.10 14.20
CA THR A 203 -19.33 -11.47 14.08
C THR A 203 -18.28 -12.47 14.57
N ALA A 204 -17.06 -12.04 14.89
CA ALA A 204 -16.03 -12.89 15.50
C ALA A 204 -15.81 -12.38 16.91
N SER A 205 -15.42 -13.26 17.82
CA SER A 205 -15.15 -12.84 19.18
C SER A 205 -13.77 -12.20 19.33
N LYS A 206 -12.83 -12.65 18.53
CA LYS A 206 -11.45 -12.25 18.56
C LYS A 206 -10.79 -12.62 17.26
N ILE A 207 -9.74 -11.88 16.89
CA ILE A 207 -8.97 -12.16 15.71
C ILE A 207 -7.50 -12.13 16.11
N THR A 208 -6.76 -13.19 15.77
CA THR A 208 -5.34 -13.24 15.97
C THR A 208 -4.68 -13.31 14.61
N TYR A 209 -3.82 -12.37 14.30
CA TYR A 209 -2.99 -12.34 13.10
C TYR A 209 -1.63 -12.90 13.54
N GLN A 210 -1.24 -14.04 13.03
CA GLN A 210 -0.02 -14.71 13.42
C GLN A 210 0.91 -14.74 12.22
N LEU A 211 2.13 -14.25 12.38
CA LEU A 211 3.12 -14.29 11.31
C LEU A 211 3.54 -15.74 11.10
N VAL A 212 3.42 -16.25 9.86
CA VAL A 212 3.86 -17.60 9.43
C VAL A 212 4.69 -17.32 8.19
N ALA A 213 6.03 -17.21 8.34
CA ALA A 213 6.85 -16.70 7.26
C ALA A 213 6.79 -17.51 5.96
N GLU A 214 6.80 -18.81 6.09
CA GLU A 214 6.86 -19.71 4.94
C GLU A 214 5.45 -20.06 4.39
N PRO A 215 5.12 -19.86 3.09
CA PRO A 215 3.76 -20.18 2.64
C PRO A 215 3.40 -21.64 2.78
N ALA A 216 4.35 -22.59 2.65
CA ALA A 216 3.97 -24.01 2.83
C ALA A 216 3.55 -24.30 4.25
N THR A 217 4.08 -23.55 5.23
CA THR A 217 3.68 -23.72 6.62
C THR A 217 2.27 -23.12 6.81
N ARG A 218 1.95 -22.02 6.10
CA ARG A 218 0.60 -21.47 6.14
C ARG A 218 -0.40 -22.46 5.56
N VAL A 219 -0.07 -23.07 4.41
CA VAL A 219 -0.96 -24.05 3.78
C VAL A 219 -1.17 -25.24 4.72
N ALA A 220 -0.07 -25.76 5.31
CA ALA A 220 -0.18 -26.89 6.24
C ALA A 220 -1.00 -26.56 7.49
N GLY A 221 -0.90 -25.32 7.97
CA GLY A 221 -1.65 -24.88 9.13
C GLY A 221 -3.12 -24.70 8.82
N LEU A 222 -3.48 -24.34 7.59
CA LEU A 222 -4.89 -24.30 7.19
C LEU A 222 -5.45 -25.73 7.15
N ILE A 223 -4.69 -26.63 6.56
CA ILE A 223 -5.13 -28.02 6.44
C ILE A 223 -5.31 -28.67 7.83
N SER A 224 -4.43 -28.38 8.80
CA SER A 224 -4.56 -28.96 10.15
C SER A 224 -5.57 -28.32 11.08
N GLY A 225 -6.11 -27.16 10.70
CA GLY A 225 -7.03 -26.43 11.57
C GLY A 225 -6.34 -25.44 12.50
N GLU A 226 -5.02 -25.30 12.42
CA GLU A 226 -4.29 -24.34 13.23
C GLU A 226 -4.73 -22.91 12.83
N TYR A 227 -4.98 -22.70 11.53
CA TYR A 227 -5.46 -21.42 11.03
C TYR A 227 -6.79 -21.63 10.37
N ASP A 228 -7.63 -20.64 10.51
CA ASP A 228 -8.93 -20.55 9.85
C ASP A 228 -8.84 -19.92 8.45
N ILE A 229 -7.91 -18.98 8.29
CA ILE A 229 -7.63 -18.19 7.08
C ILE A 229 -6.13 -18.04 6.93
N VAL A 230 -5.62 -18.10 5.70
CA VAL A 230 -4.21 -17.78 5.41
C VAL A 230 -4.12 -16.91 4.19
N THR A 231 -3.11 -16.03 4.19
CA THR A 231 -2.93 -15.02 3.15
C THR A 231 -1.69 -15.29 2.30
N THR A 232 -1.58 -14.55 1.19
CA THR A 232 -0.36 -14.42 0.38
C THR A 232 0.12 -15.74 -0.19
N LEU A 233 -0.80 -16.50 -0.75
CA LEU A 233 -0.49 -17.72 -1.44
C LEU A 233 -0.34 -17.42 -2.93
N THR A 234 -0.04 -18.45 -3.71
CA THR A 234 0.10 -18.31 -5.15
C THR A 234 -0.84 -19.26 -5.86
N PRO A 235 -1.00 -19.12 -7.21
CA PRO A 235 -1.85 -20.06 -7.94
C PRO A 235 -1.47 -21.50 -7.78
N ASP A 236 -0.18 -21.83 -7.59
CA ASP A 236 0.28 -23.24 -7.44
C ASP A 236 -0.32 -23.94 -6.21
N ASP A 237 -0.70 -23.19 -5.17
CA ASP A 237 -1.26 -23.80 -3.95
C ASP A 237 -2.73 -24.20 -4.08
N MET A 238 -3.42 -23.69 -5.10
CA MET A 238 -4.86 -23.79 -5.20
C MET A 238 -5.38 -25.20 -5.36
N ALA A 239 -4.77 -26.02 -6.22
CA ALA A 239 -5.27 -27.38 -6.43
C ALA A 239 -5.28 -28.20 -5.15
N LEU A 240 -4.18 -28.17 -4.40
CA LEU A 240 -4.10 -28.93 -3.15
C LEU A 240 -5.20 -28.45 -2.17
N ILE A 241 -5.28 -27.15 -1.91
CA ILE A 241 -6.25 -26.64 -0.95
C ILE A 241 -7.68 -27.00 -1.36
N ASN A 242 -8.03 -26.72 -2.62
CA ASN A 242 -9.38 -26.98 -3.10
C ASN A 242 -9.74 -28.46 -3.14
N SER A 243 -8.76 -29.38 -3.03
CA SER A 243 -9.07 -30.81 -2.97
C SER A 243 -9.64 -31.22 -1.58
N TYR A 244 -9.62 -30.31 -0.58
CA TYR A 244 -10.20 -30.53 0.75
C TYR A 244 -11.61 -29.92 0.70
N PRO A 245 -12.69 -30.72 0.83
CA PRO A 245 -14.05 -30.16 0.71
C PRO A 245 -14.40 -29.09 1.72
N ASP A 246 -13.72 -29.03 2.85
CA ASP A 246 -13.99 -28.00 3.85
C ASP A 246 -13.22 -26.72 3.68
N LEU A 247 -12.30 -26.65 2.69
CA LEU A 247 -11.45 -25.48 2.43
C LEU A 247 -11.70 -24.92 1.06
N GLU A 248 -11.28 -23.69 0.86
CA GLU A 248 -11.36 -23.07 -0.44
C GLU A 248 -10.35 -21.96 -0.58
N THR A 249 -10.08 -21.61 -1.84
CA THR A 249 -9.21 -20.48 -2.17
C THR A 249 -9.97 -19.44 -2.94
N ARG A 250 -9.46 -18.23 -2.92
CA ARG A 250 -9.96 -17.17 -3.79
C ARG A 250 -8.74 -16.42 -4.29
N GLY A 251 -8.76 -16.04 -5.55
CA GLY A 251 -7.67 -15.29 -6.14
C GLY A 251 -8.13 -14.27 -7.13
N ASN A 252 -7.37 -13.18 -7.24
CA ASN A 252 -7.63 -12.19 -8.27
C ASN A 252 -6.45 -11.26 -8.43
N ILE A 253 -6.43 -10.58 -9.56
CA ILE A 253 -5.47 -9.55 -9.80
C ILE A 253 -5.85 -8.37 -8.92
N VAL A 254 -4.85 -7.81 -8.24
CA VAL A 254 -4.96 -6.71 -7.32
C VAL A 254 -4.39 -5.46 -7.98
N GLU A 255 -4.83 -4.31 -7.48
CA GLU A 255 -4.41 -3.00 -7.99
C GLU A 255 -3.14 -2.63 -7.26
N ASN A 256 -2.10 -3.47 -7.47
CA ASN A 256 -0.82 -3.35 -6.79
C ASN A 256 0.20 -4.00 -7.69
N PHE A 257 1.41 -3.45 -7.73
CA PHE A 257 2.49 -4.07 -8.51
C PHE A 257 3.68 -4.38 -7.65
N HIS A 258 4.30 -5.52 -7.91
CA HIS A 258 5.59 -5.88 -7.32
C HIS A 258 6.66 -5.25 -8.18
N MET A 259 7.77 -4.85 -7.56
CA MET A 259 8.88 -4.25 -8.27
C MET A 259 10.19 -4.56 -7.54
N PHE A 260 11.30 -4.15 -8.13
CA PHE A 260 12.55 -3.98 -7.42
C PHE A 260 13.02 -2.56 -7.63
N THR A 261 13.85 -2.06 -6.69
CA THR A 261 14.30 -0.68 -6.69
C THR A 261 15.71 -0.59 -6.08
N PHE A 262 16.21 0.66 -6.00
CA PHE A 262 17.60 0.98 -5.70
C PHE A 262 17.78 2.03 -4.62
N ASN A 263 18.95 1.98 -3.95
CA ASN A 263 19.33 3.02 -3.03
C ASN A 263 20.25 3.88 -3.90
N MET A 264 19.67 4.96 -4.44
CA MET A 264 20.37 5.84 -5.36
C MET A 264 21.31 6.84 -4.64
N ASN A 265 21.39 6.77 -3.29
CA ASN A 265 22.46 7.43 -2.52
C ASN A 265 23.77 6.62 -2.70
N GLN A 266 23.72 5.32 -3.06
CA GLN A 266 24.92 4.52 -3.25
C GLN A 266 25.58 4.94 -4.58
N PRO A 267 26.90 5.20 -4.63
CA PRO A 267 27.52 5.57 -5.92
C PRO A 267 27.19 4.64 -7.09
N VAL A 268 27.12 3.34 -6.86
CA VAL A 268 26.81 2.33 -7.89
C VAL A 268 25.42 2.59 -8.55
N PHE A 269 24.49 3.23 -7.83
CA PHE A 269 23.18 3.52 -8.37
C PHE A 269 22.88 5.02 -8.39
N GLN A 270 23.90 5.90 -8.35
CA GLN A 270 23.65 7.34 -8.39
C GLN A 270 23.19 7.82 -9.79
N SER A 271 23.51 7.06 -10.85
CA SER A 271 23.19 7.38 -12.25
C SER A 271 22.37 6.27 -12.91
N LYS A 272 21.59 6.64 -13.94
CA LYS A 272 20.65 5.73 -14.58
C LYS A 272 21.22 4.52 -15.36
N PRO A 273 22.44 4.55 -15.96
CA PRO A 273 22.84 3.41 -16.83
C PRO A 273 22.76 1.99 -16.24
N LEU A 274 23.34 1.73 -15.06
CA LEU A 274 23.30 0.36 -14.49
C LEU A 274 21.89 0.01 -14.00
N ARG A 275 21.11 0.99 -13.55
CA ARG A 275 19.72 0.75 -13.14
C ARG A 275 18.90 0.28 -14.35
N ARG A 276 19.00 0.98 -15.48
CA ARG A 276 18.30 0.65 -16.71
C ARG A 276 18.82 -0.66 -17.28
N ALA A 277 20.13 -0.94 -17.14
CA ALA A 277 20.67 -2.21 -17.58
C ALA A 277 19.98 -3.39 -16.87
N LEU A 278 19.86 -3.31 -15.54
CA LEU A 278 19.20 -4.33 -14.75
C LEU A 278 17.73 -4.47 -15.15
N ALA A 279 17.06 -3.35 -15.44
CA ALA A 279 15.66 -3.34 -15.88
C ALA A 279 15.47 -4.04 -17.24
N LEU A 280 16.36 -3.74 -18.21
CA LEU A 280 16.19 -4.29 -19.54
C LEU A 280 16.46 -5.78 -19.63
N ALA A 281 17.16 -6.35 -18.63
CA ALA A 281 17.45 -7.79 -18.61
C ALA A 281 16.36 -8.66 -17.97
N VAL A 282 15.24 -8.07 -17.54
CA VAL A 282 14.19 -8.85 -16.88
C VAL A 282 13.22 -9.40 -17.90
N ASN A 283 13.12 -10.74 -17.97
CA ASN A 283 12.20 -11.46 -18.86
C ASN A 283 10.96 -11.75 -18.04
N ARG A 284 10.03 -10.79 -18.05
CA ARG A 284 8.81 -10.93 -17.25
C ARG A 284 7.91 -12.10 -17.69
N PRO A 285 7.63 -12.33 -19.00
CA PRO A 285 6.78 -13.48 -19.37
C PRO A 285 7.31 -14.82 -18.86
N LEU A 286 8.64 -15.03 -18.82
CA LEU A 286 9.23 -16.27 -18.33
C LEU A 286 9.01 -16.42 -16.81
N ILE A 287 9.15 -15.34 -16.02
CA ILE A 287 8.92 -15.38 -14.56
C ILE A 287 7.43 -15.71 -14.33
N VAL A 288 6.55 -15.05 -15.06
CA VAL A 288 5.10 -15.25 -14.96
C VAL A 288 4.70 -16.69 -15.30
N GLN A 289 5.34 -17.28 -16.31
CA GLN A 289 5.10 -18.66 -16.72
C GLN A 289 5.60 -19.65 -15.69
N SER A 290 6.82 -19.46 -15.13
CA SER A 290 7.39 -20.45 -14.20
C SER A 290 6.81 -20.39 -12.80
N LEU A 291 6.46 -19.21 -12.31
CA LEU A 291 6.04 -19.05 -10.90
C LEU A 291 4.59 -18.67 -10.66
N TRP A 292 3.87 -18.21 -11.69
CA TRP A 292 2.53 -17.69 -11.48
C TRP A 292 1.44 -18.39 -12.30
N MET A 293 1.76 -19.53 -12.98
CA MET A 293 0.80 -20.26 -13.84
C MET A 293 0.13 -19.28 -14.84
N ASN A 294 0.88 -18.26 -15.31
CA ASN A 294 0.38 -17.25 -16.24
C ASN A 294 -0.85 -16.49 -15.76
N LYS A 295 -1.02 -16.34 -14.42
CA LYS A 295 -2.15 -15.61 -13.84
C LYS A 295 -1.76 -14.20 -13.42
N ALA A 296 -0.46 -13.95 -13.13
CA ALA A 296 -0.01 -12.57 -12.86
C ALA A 296 -0.08 -11.82 -14.18
N THR A 297 -0.38 -10.51 -14.15
CA THR A 297 -0.43 -9.75 -15.41
C THR A 297 0.66 -8.69 -15.44
N ILE A 298 1.18 -8.44 -16.61
CA ILE A 298 2.25 -7.48 -16.79
C ILE A 298 1.63 -6.21 -17.34
N PRO A 299 1.70 -5.08 -16.60
CA PRO A 299 1.06 -3.86 -17.11
C PRO A 299 1.85 -3.18 -18.22
N ASN A 300 1.18 -2.34 -19.03
CA ASN A 300 1.87 -1.57 -20.06
C ASN A 300 2.41 -0.31 -19.43
N GLY A 301 3.48 -0.45 -18.65
CA GLY A 301 4.08 0.66 -17.93
C GLY A 301 3.46 0.92 -16.58
N PHE A 302 3.78 2.07 -16.01
CA PHE A 302 3.27 2.51 -14.71
C PHE A 302 1.88 3.12 -15.00
N ASN A 303 0.94 2.23 -15.29
CA ASN A 303 -0.30 2.55 -15.97
C ASN A 303 -1.32 1.47 -15.69
N PHE A 304 -2.36 1.81 -14.92
CA PHE A 304 -3.32 0.84 -14.44
C PHE A 304 -4.79 1.27 -14.69
N PRO A 305 -5.70 0.32 -14.99
CA PRO A 305 -7.07 0.73 -15.36
C PRO A 305 -7.88 1.49 -14.33
N ASN A 306 -7.57 1.35 -13.05
CA ASN A 306 -8.28 2.13 -12.04
C ASN A 306 -8.01 3.63 -12.13
N TYR A 307 -6.99 4.06 -12.90
CA TYR A 307 -6.73 5.49 -13.07
C TYR A 307 -7.86 6.18 -13.87
N GLY A 308 -8.69 5.42 -14.58
CA GLY A 308 -9.80 5.97 -15.33
C GLY A 308 -9.34 6.80 -16.52
N LYS A 309 -9.55 8.10 -16.43
CA LYS A 309 -9.19 9.03 -17.50
C LYS A 309 -7.66 9.11 -17.69
N THR A 310 -6.86 8.78 -16.65
CA THR A 310 -5.41 8.79 -16.79
C THR A 310 -4.84 7.36 -16.97
N PHE A 311 -5.67 6.39 -17.43
CA PHE A 311 -5.19 5.07 -17.85
C PHE A 311 -5.05 5.12 -19.36
N ASP A 312 -3.92 4.64 -19.92
CA ASP A 312 -3.74 4.58 -21.37
C ASP A 312 -3.86 3.11 -21.80
N PRO A 313 -5.01 2.65 -22.35
CA PRO A 313 -5.11 1.23 -22.76
C PRO A 313 -4.25 0.84 -23.96
N ASN A 314 -3.84 1.82 -24.77
CA ASN A 314 -3.04 1.59 -25.95
C ASN A 314 -1.53 1.82 -25.73
N ARG A 315 -1.07 2.04 -24.46
CA ARG A 315 0.35 2.28 -24.22
C ARG A 315 1.18 1.05 -24.55
N ARG A 316 2.39 1.25 -25.06
CA ARG A 316 3.29 0.17 -25.41
C ARG A 316 3.73 -0.63 -24.15
N ALA A 317 4.27 -1.82 -24.39
CA ALA A 317 4.81 -2.67 -23.36
C ALA A 317 6.17 -2.15 -22.85
N MET A 318 6.52 -2.51 -21.61
CA MET A 318 7.83 -2.20 -21.04
C MET A 318 8.86 -3.07 -21.79
N GLU A 319 10.04 -2.52 -21.99
CA GLU A 319 11.10 -3.12 -22.81
C GLU A 319 11.94 -4.23 -22.18
N TYR A 320 12.34 -5.20 -23.02
CA TYR A 320 13.21 -6.33 -22.69
C TYR A 320 14.24 -6.32 -23.82
N ASN A 321 15.51 -6.00 -23.52
CA ASN A 321 16.54 -5.85 -24.53
C ASN A 321 17.90 -6.12 -23.89
N ILE A 322 18.36 -7.37 -23.94
CA ILE A 322 19.65 -7.74 -23.34
C ILE A 322 20.84 -7.12 -24.13
N GLU A 323 20.67 -6.78 -25.41
CA GLU A 323 21.74 -6.11 -26.17
C GLU A 323 22.02 -4.73 -25.56
N GLU A 324 20.97 -3.95 -25.29
CA GLU A 324 21.13 -2.63 -24.70
C GLU A 324 21.57 -2.79 -23.24
N ALA A 325 21.06 -3.80 -22.52
CA ALA A 325 21.47 -4.01 -21.13
C ALA A 325 23.00 -4.23 -21.03
N LYS A 326 23.56 -5.09 -21.89
CA LYS A 326 25.00 -5.38 -21.92
C LYS A 326 25.79 -4.12 -22.23
N ARG A 327 25.32 -3.33 -23.23
CA ARG A 327 25.95 -2.06 -23.64
C ARG A 327 25.98 -1.09 -22.47
N LEU A 328 24.90 -1.04 -21.68
CA LEU A 328 24.82 -0.13 -20.56
C LEU A 328 25.72 -0.58 -19.39
N VAL A 329 25.89 -1.90 -19.16
CA VAL A 329 26.78 -2.38 -18.08
C VAL A 329 28.23 -1.92 -18.38
N LYS A 330 28.68 -2.16 -19.62
CA LYS A 330 30.02 -1.76 -20.02
C LYS A 330 30.20 -0.23 -19.92
N GLU A 331 29.22 0.56 -20.35
CA GLU A 331 29.28 2.03 -20.27
C GLU A 331 29.38 2.53 -18.81
N SER A 332 28.66 1.91 -17.86
CA SER A 332 28.72 2.34 -16.45
C SER A 332 30.11 2.12 -15.80
N GLY A 333 30.94 1.28 -16.39
CA GLY A 333 32.25 0.96 -15.82
C GLY A 333 32.19 -0.03 -14.67
N TYR A 334 31.03 -0.70 -14.46
CA TYR A 334 30.82 -1.70 -13.39
C TYR A 334 32.01 -2.67 -13.27
N ASP A 335 32.67 -2.70 -12.09
CA ASP A 335 33.92 -3.44 -11.85
C ASP A 335 33.73 -4.89 -11.33
N GLY A 336 32.52 -5.43 -11.41
CA GLY A 336 32.24 -6.78 -10.91
C GLY A 336 31.96 -6.85 -9.41
N THR A 337 31.95 -5.69 -8.72
CA THR A 337 31.73 -5.62 -7.28
C THR A 337 30.35 -6.22 -6.92
N PRO A 338 30.25 -7.26 -6.04
CA PRO A 338 28.92 -7.82 -5.74
C PRO A 338 27.90 -6.77 -5.27
N ILE A 339 26.64 -6.84 -5.79
CA ILE A 339 25.55 -5.92 -5.45
C ILE A 339 24.55 -6.72 -4.68
N THR A 340 24.27 -6.34 -3.44
CA THR A 340 23.24 -7.05 -2.67
C THR A 340 21.85 -6.70 -3.11
N TYR A 341 20.92 -7.67 -2.94
CA TYR A 341 19.47 -7.50 -3.15
C TYR A 341 18.79 -8.05 -1.89
N HIS A 342 18.23 -7.16 -1.08
CA HIS A 342 17.63 -7.47 0.19
C HIS A 342 16.14 -7.80 0.03
N THR A 343 15.73 -8.95 0.59
CA THR A 343 14.34 -9.39 0.57
C THR A 343 14.01 -10.01 1.92
N MET A 344 12.87 -9.65 2.47
CA MET A 344 12.42 -10.16 3.75
C MET A 344 11.67 -11.45 3.49
N GLY A 345 12.42 -12.47 3.09
CA GLY A 345 11.84 -13.75 2.70
C GLY A 345 10.84 -13.58 1.59
N ASN A 346 9.70 -14.24 1.72
CA ASN A 346 8.60 -14.16 0.79
C ASN A 346 7.46 -13.34 1.38
N TYR A 347 7.82 -12.22 1.99
CA TYR A 347 6.85 -11.19 2.39
C TYR A 347 5.98 -10.79 1.16
N TYR A 348 6.61 -10.67 0.00
CA TYR A 348 5.95 -10.60 -1.29
C TYR A 348 5.93 -12.03 -1.82
N ALA A 349 4.78 -12.49 -2.29
CA ALA A 349 4.61 -13.81 -2.86
C ALA A 349 5.59 -14.01 -4.01
N ASN A 350 6.34 -15.09 -3.92
CA ASN A 350 7.34 -15.51 -4.91
C ASN A 350 8.55 -14.55 -4.97
N ALA A 351 8.82 -13.79 -3.91
CA ALA A 351 9.95 -12.87 -3.91
C ALA A 351 11.30 -13.56 -4.10
N VAL A 352 11.53 -14.67 -3.37
CA VAL A 352 12.80 -15.35 -3.43
C VAL A 352 12.89 -16.13 -4.75
N PRO A 353 11.93 -16.98 -5.18
CA PRO A 353 12.10 -17.65 -6.48
C PRO A 353 12.23 -16.65 -7.64
N ALA A 354 11.50 -15.52 -7.63
CA ALA A 354 11.65 -14.53 -8.72
C ALA A 354 13.05 -13.94 -8.70
N LEU A 355 13.58 -13.65 -7.49
CA LEU A 355 14.93 -13.12 -7.34
C LEU A 355 15.94 -14.10 -7.91
N MET A 356 15.78 -15.39 -7.63
CA MET A 356 16.74 -16.38 -8.15
C MET A 356 16.73 -16.42 -9.67
N MET A 357 15.57 -16.30 -10.31
CA MET A 357 15.49 -16.24 -11.77
C MET A 357 16.16 -14.96 -12.27
N MET A 358 15.93 -13.82 -11.59
CA MET A 358 16.55 -12.55 -12.03
C MET A 358 18.08 -12.53 -11.84
N ILE A 359 18.59 -13.21 -10.80
CA ILE A 359 20.04 -13.33 -10.61
C ILE A 359 20.70 -13.99 -11.86
N GLU A 360 20.04 -15.01 -12.45
CA GLU A 360 20.53 -15.70 -13.65
C GLU A 360 20.50 -14.72 -14.82
N MET A 361 19.38 -13.97 -14.95
CA MET A 361 19.25 -12.95 -16.03
C MET A 361 20.37 -11.89 -15.93
N TRP A 362 20.69 -11.42 -14.71
CA TRP A 362 21.75 -10.45 -14.46
C TRP A 362 23.14 -11.03 -14.60
N LYS A 363 23.30 -12.31 -14.36
CA LYS A 363 24.59 -12.99 -14.61
C LYS A 363 24.86 -12.94 -16.12
N GLN A 364 23.81 -13.18 -16.95
CA GLN A 364 23.95 -13.16 -18.40
C GLN A 364 24.39 -11.80 -18.96
N ILE A 365 24.07 -10.67 -18.29
CA ILE A 365 24.54 -9.35 -18.77
C ILE A 365 25.85 -8.87 -18.06
N GLY A 366 26.49 -9.73 -17.28
CA GLY A 366 27.73 -9.42 -16.59
C GLY A 366 27.64 -8.74 -15.24
N VAL A 367 26.50 -8.84 -14.53
CA VAL A 367 26.33 -8.24 -13.21
C VAL A 367 26.19 -9.31 -12.14
N THR A 368 26.92 -9.16 -11.02
CA THR A 368 26.84 -10.13 -9.93
C THR A 368 25.93 -9.59 -8.84
N VAL A 369 24.75 -10.21 -8.66
CA VAL A 369 23.78 -9.82 -7.65
C VAL A 369 23.68 -10.96 -6.65
N VAL A 370 23.82 -10.62 -5.35
CA VAL A 370 23.82 -11.59 -4.27
C VAL A 370 22.52 -11.46 -3.47
N PRO A 371 21.80 -12.56 -3.18
CA PRO A 371 20.60 -12.45 -2.37
C PRO A 371 20.94 -12.22 -0.88
N LYS A 372 20.22 -11.31 -0.24
CA LYS A 372 20.35 -11.08 1.19
C LYS A 372 18.96 -11.26 1.76
N VAL A 373 18.65 -12.48 2.14
CA VAL A 373 17.35 -12.87 2.66
C VAL A 373 17.38 -12.63 4.16
N TYR A 374 16.61 -11.66 4.67
CA TYR A 374 16.54 -11.36 6.09
C TYR A 374 15.18 -11.69 6.71
N ALA A 375 15.19 -11.93 8.01
CA ALA A 375 14.01 -12.27 8.78
C ALA A 375 13.26 -10.98 9.15
N PRO A 376 11.95 -11.02 9.50
CA PRO A 376 11.29 -9.79 9.95
C PRO A 376 12.01 -9.19 11.17
N GLY A 377 12.28 -7.88 11.10
CA GLY A 377 13.02 -7.15 12.14
C GLY A 377 14.50 -7.00 11.82
N GLY A 378 14.98 -7.69 10.80
CA GLY A 378 16.37 -7.62 10.39
C GLY A 378 16.65 -6.80 9.15
N ALA A 379 15.80 -5.78 8.84
CA ALA A 379 16.02 -4.98 7.64
C ALA A 379 17.35 -4.22 7.74
N PRO A 380 18.09 -4.04 6.64
CA PRO A 380 19.38 -3.35 6.76
C PRO A 380 19.19 -1.86 6.98
N LYS A 381 20.26 -1.20 7.43
CA LYS A 381 20.30 0.26 7.53
C LYS A 381 20.42 0.73 6.06
N ASP A 382 19.96 1.95 5.75
CA ASP A 382 19.98 2.45 4.38
C ASP A 382 21.40 2.39 3.76
N GLN A 383 22.44 2.74 4.55
CA GLN A 383 23.84 2.67 4.10
C GLN A 383 24.31 1.27 3.64
N ASP A 384 23.66 0.18 4.07
CA ASP A 384 23.98 -1.21 3.66
C ASP A 384 22.99 -1.79 2.62
N SER A 385 22.09 -0.96 2.08
CA SER A 385 21.07 -1.36 1.13
C SER A 385 21.44 -0.83 -0.24
N TYR A 386 21.35 -1.70 -1.24
CA TYR A 386 21.71 -1.43 -2.62
C TYR A 386 20.47 -1.75 -3.45
N MET A 387 20.19 -3.02 -3.81
CA MET A 387 18.91 -3.37 -4.42
C MET A 387 17.98 -3.95 -3.37
N ARG A 388 16.68 -3.74 -3.54
CA ARG A 388 15.66 -4.31 -2.67
C ARG A 388 14.38 -4.45 -3.45
N ASN A 389 13.50 -5.32 -2.98
CA ASN A 389 12.18 -5.46 -3.59
C ASN A 389 11.21 -4.54 -2.86
N TRP A 390 10.06 -4.27 -3.52
CA TRP A 390 9.03 -3.38 -2.98
C TRP A 390 7.73 -3.65 -3.75
N SER A 391 6.65 -2.96 -3.37
CA SER A 391 5.39 -2.96 -4.09
C SER A 391 4.77 -1.60 -3.92
N ASN A 392 3.80 -1.28 -4.80
CA ASN A 392 3.00 -0.09 -4.62
C ASN A 392 1.55 -0.41 -4.93
N GLY A 393 0.68 -0.09 -3.99
CA GLY A 393 -0.76 -0.18 -4.15
C GLY A 393 -1.28 1.06 -4.82
N GLN A 394 -2.09 0.88 -5.85
CA GLN A 394 -2.66 1.99 -6.63
C GLN A 394 -3.97 2.38 -5.98
N TRP A 395 -3.85 3.22 -4.92
CA TRP A 395 -4.86 3.51 -3.95
C TRP A 395 -5.78 4.66 -4.30
N MET A 396 -5.66 5.29 -5.46
CA MET A 396 -6.61 6.32 -5.89
C MET A 396 -7.10 6.02 -7.30
N THR A 397 -8.24 6.62 -7.67
CA THR A 397 -8.77 6.47 -9.04
C THR A 397 -8.19 7.55 -9.90
N ASP A 398 -6.87 7.75 -9.82
CA ASP A 398 -6.18 8.84 -10.48
C ASP A 398 -4.69 8.51 -10.52
N ALA A 399 -4.02 8.76 -11.62
CA ALA A 399 -2.59 8.42 -11.74
C ALA A 399 -1.69 9.19 -10.79
N TRP A 400 -2.18 10.22 -10.05
CA TRP A 400 -1.39 10.86 -9.00
C TRP A 400 -0.79 9.78 -8.04
N ALA A 401 -1.55 8.72 -7.76
CA ALA A 401 -1.02 7.64 -6.94
C ALA A 401 -0.62 6.51 -7.89
N THR A 402 0.60 5.91 -7.82
CA THR A 402 1.73 6.27 -6.95
C THR A 402 2.85 6.95 -7.70
N MET A 403 2.71 7.28 -8.99
CA MET A 403 3.77 7.99 -9.72
C MET A 403 4.19 9.25 -9.02
N ILE A 404 3.20 10.01 -8.54
CA ILE A 404 3.51 11.28 -7.88
C ILE A 404 3.74 11.10 -6.39
N CYS A 405 2.87 10.43 -5.68
CA CYS A 405 3.03 10.34 -4.21
C CYS A 405 4.21 9.49 -3.79
N GLU A 406 4.69 8.57 -4.65
CA GLU A 406 5.89 7.79 -4.30
C GLU A 406 7.10 8.27 -5.06
N PHE A 407 6.98 8.52 -6.36
CA PHE A 407 8.14 8.87 -7.20
C PHE A 407 8.32 10.36 -7.49
N GLY A 408 7.39 11.19 -7.00
CA GLY A 408 7.46 12.63 -7.23
C GLY A 408 8.44 13.37 -6.34
N PRO A 409 8.55 14.69 -6.52
CA PRO A 409 9.53 15.45 -5.74
C PRO A 409 9.37 15.44 -4.21
N LYS A 410 8.18 15.19 -3.70
CA LYS A 410 7.95 15.08 -2.27
C LYS A 410 8.08 13.66 -1.74
N GLY A 411 8.18 12.65 -2.63
CA GLY A 411 8.18 11.25 -2.22
C GLY A 411 9.47 10.72 -1.70
N GLN A 412 9.41 9.48 -1.23
CA GLN A 412 10.54 8.82 -0.62
C GLN A 412 11.61 8.37 -1.58
N VAL A 413 11.27 8.11 -2.83
CA VAL A 413 12.22 7.62 -3.80
C VAL A 413 13.29 8.71 -4.06
N GLN A 414 12.86 9.96 -4.19
CA GLN A 414 13.78 11.07 -4.41
C GLN A 414 14.36 11.54 -3.08
N LYS A 415 13.57 11.63 -2.00
CA LYS A 415 14.07 12.20 -0.74
C LYS A 415 14.93 11.22 0.08
N ARG A 416 14.37 10.12 0.53
CA ARG A 416 15.10 9.14 1.32
C ARG A 416 16.07 8.35 0.46
N TRP A 417 15.63 7.85 -0.70
CA TRP A 417 16.42 6.97 -1.51
C TRP A 417 17.28 7.62 -2.60
N GLY A 418 17.33 8.96 -2.64
CA GLY A 418 18.25 9.71 -3.49
C GLY A 418 18.08 9.75 -5.00
N TRP A 419 16.88 9.41 -5.56
CA TRP A 419 16.72 9.51 -7.03
C TRP A 419 16.78 10.97 -7.46
N LYS A 420 17.73 11.31 -8.34
CA LYS A 420 17.84 12.68 -8.84
C LYS A 420 17.07 12.70 -10.15
N ALA A 421 15.78 12.97 -10.05
CA ALA A 421 14.91 12.94 -11.21
C ALA A 421 15.16 14.12 -12.15
N PRO A 422 15.01 13.95 -13.49
CA PRO A 422 15.11 15.13 -14.38
C PRO A 422 14.14 16.26 -13.96
N ALA A 423 14.50 17.52 -14.22
CA ALA A 423 13.63 18.64 -13.86
C ALA A 423 12.29 18.58 -14.57
N GLU A 424 12.26 18.12 -15.84
CA GLU A 424 11.02 17.95 -16.61
C GLU A 424 10.04 17.06 -15.86
N PHE A 425 10.57 15.98 -15.23
CA PHE A 425 9.73 15.07 -14.46
C PHE A 425 9.04 15.78 -13.28
N ASN A 426 9.84 16.50 -12.46
CA ASN A 426 9.27 17.19 -11.30
C ASN A 426 8.34 18.33 -11.70
N ASP A 427 8.64 19.02 -12.82
CA ASP A 427 7.74 20.08 -13.31
C ASP A 427 6.42 19.51 -13.79
N LEU A 428 6.44 18.36 -14.49
CA LEU A 428 5.19 17.71 -14.92
C LEU A 428 4.41 17.19 -13.72
N CYS A 429 5.10 16.71 -12.65
CA CYS A 429 4.43 16.27 -11.42
C CYS A 429 3.63 17.46 -10.83
N THR A 430 4.25 18.63 -10.82
CA THR A 430 3.61 19.87 -10.38
C THR A 430 2.40 20.20 -11.28
N LYS A 431 2.57 20.18 -12.61
CA LYS A 431 1.51 20.49 -13.58
C LYS A 431 0.25 19.61 -13.47
N VAL A 432 0.40 18.28 -13.48
CA VAL A 432 -0.75 17.38 -13.42
C VAL A 432 -1.60 17.56 -12.16
N SER A 433 -1.02 18.18 -11.09
CA SER A 433 -1.70 18.47 -9.84
C SER A 433 -2.36 19.87 -9.87
N GLN A 434 -2.69 20.42 -11.07
CA GLN A 434 -3.31 21.74 -11.26
C GLN A 434 -4.34 21.78 -12.40
N ILE A 435 -4.58 20.67 -13.10
CA ILE A 435 -5.49 20.67 -14.23
C ILE A 435 -6.49 19.52 -14.13
N PRO A 436 -7.73 19.70 -14.66
CA PRO A 436 -8.68 18.59 -14.64
C PRO A 436 -8.28 17.49 -15.62
N ASP A 437 -9.02 16.36 -15.61
CA ASP A 437 -8.80 15.32 -16.59
C ASP A 437 -9.08 15.85 -18.00
N SER A 438 -8.08 15.78 -18.85
CA SER A 438 -8.15 16.27 -20.22
C SER A 438 -7.09 15.52 -21.06
N LYS A 439 -7.07 15.75 -22.37
CA LYS A 439 -6.04 15.15 -23.23
C LYS A 439 -4.63 15.65 -22.79
N GLU A 440 -4.52 16.89 -22.30
CA GLU A 440 -3.28 17.48 -21.78
C GLU A 440 -2.76 16.73 -20.54
N ARG A 441 -3.65 16.43 -19.59
CA ARG A 441 -3.27 15.71 -18.38
C ARG A 441 -2.90 14.26 -18.76
N PHE A 442 -3.67 13.66 -19.67
CA PHE A 442 -3.43 12.33 -20.20
C PHE A 442 -2.00 12.24 -20.79
N ASP A 443 -1.62 13.19 -21.65
CA ASP A 443 -0.31 13.20 -22.30
C ASP A 443 0.82 13.47 -21.30
N ALA A 444 0.59 14.31 -20.28
CA ALA A 444 1.60 14.59 -19.26
C ALA A 444 1.94 13.30 -18.45
N PHE A 445 0.94 12.48 -18.11
CA PHE A 445 1.23 11.23 -17.39
C PHE A 445 2.00 10.26 -18.27
N ASN A 446 1.73 10.26 -19.57
CA ASN A 446 2.49 9.41 -20.46
C ASN A 446 3.94 9.87 -20.56
N ARG A 447 4.19 11.18 -20.50
CA ARG A 447 5.54 11.68 -20.47
C ARG A 447 6.25 11.26 -19.15
N LEU A 448 5.54 11.28 -18.01
CA LEU A 448 6.12 10.85 -16.73
C LEU A 448 6.47 9.35 -16.81
N ARG A 449 5.61 8.55 -17.45
CA ARG A 449 5.83 7.12 -17.65
C ARG A 449 7.07 6.86 -18.48
N ASP A 450 7.24 7.61 -19.56
CA ASP A 450 8.43 7.50 -20.41
C ASP A 450 9.71 7.82 -19.62
N ILE A 451 9.70 8.87 -18.79
CA ILE A 451 10.88 9.26 -18.04
C ILE A 451 11.17 8.19 -17.00
N PHE A 452 10.11 7.68 -16.33
CA PHE A 452 10.25 6.58 -15.38
C PHE A 452 11.04 5.38 -16.00
N GLU A 453 10.67 5.00 -17.23
CA GLU A 453 11.30 3.87 -17.91
C GLU A 453 12.74 4.16 -18.33
N GLU A 454 13.03 5.41 -18.68
CA GLU A 454 14.39 5.81 -19.07
C GLU A 454 15.33 5.91 -17.88
N GLU A 455 14.82 6.35 -16.72
CA GLU A 455 15.61 6.57 -15.51
C GLU A 455 15.73 5.37 -14.62
N ALA A 456 14.74 4.46 -14.66
CA ALA A 456 14.69 3.24 -13.87
C ALA A 456 14.98 3.45 -12.39
N PRO A 457 14.27 4.39 -11.70
CA PRO A 457 14.40 4.47 -10.23
C PRO A 457 13.85 3.21 -9.57
N ALA A 458 12.95 2.52 -10.26
CA ALA A 458 12.39 1.23 -9.90
C ALA A 458 12.03 0.49 -11.20
N VAL A 459 11.80 -0.82 -11.09
CA VAL A 459 11.47 -1.64 -12.24
C VAL A 459 10.23 -2.43 -11.88
N ILE A 460 9.17 -2.26 -12.64
CA ILE A 460 7.90 -2.93 -12.41
C ILE A 460 8.02 -4.35 -12.88
N LEU A 461 7.59 -5.32 -12.06
CA LEU A 461 7.63 -6.72 -12.48
C LEU A 461 6.28 -7.13 -13.04
N TYR A 462 5.25 -7.07 -12.23
CA TYR A 462 3.90 -7.52 -12.61
C TYR A 462 2.92 -7.20 -11.47
N GLN A 463 1.61 -7.31 -11.75
CA GLN A 463 0.59 -7.28 -10.74
C GLN A 463 0.42 -8.75 -10.26
N PRO A 464 0.65 -9.08 -8.98
CA PRO A 464 0.51 -10.47 -8.54
C PRO A 464 -0.94 -10.94 -8.64
N PHE A 465 -1.14 -12.26 -8.81
CA PHE A 465 -2.45 -12.86 -8.72
C PHE A 465 -2.49 -13.26 -7.25
N ASP A 466 -3.15 -12.44 -6.41
CA ASP A 466 -3.15 -12.65 -4.98
C ASP A 466 -4.14 -13.74 -4.65
N VAL A 467 -3.72 -14.72 -3.83
CA VAL A 467 -4.56 -15.83 -3.43
C VAL A 467 -4.59 -15.89 -1.91
N TYR A 468 -5.76 -16.11 -1.34
CA TYR A 468 -5.90 -16.43 0.08
C TYR A 468 -6.74 -17.69 0.16
N ALA A 469 -6.75 -18.31 1.32
CA ALA A 469 -7.52 -19.52 1.53
C ALA A 469 -8.13 -19.52 2.88
N ALA A 470 -9.25 -20.23 3.05
CA ALA A 470 -9.97 -20.26 4.31
C ALA A 470 -10.84 -21.49 4.41
N ARG A 471 -11.28 -21.83 5.62
CA ARG A 471 -12.36 -22.79 5.80
C ARG A 471 -13.62 -22.23 5.15
N LYS A 472 -14.36 -23.12 4.49
CA LYS A 472 -15.65 -22.69 3.90
C LYS A 472 -16.59 -22.25 5.00
N ASP A 473 -16.54 -22.86 6.20
CA ASP A 473 -17.46 -22.46 7.24
C ASP A 473 -17.09 -21.17 7.98
N VAL A 474 -16.04 -20.49 7.54
CA VAL A 474 -15.65 -19.17 8.06
C VAL A 474 -16.15 -18.17 7.03
N HIS A 475 -17.25 -17.48 7.28
CA HIS A 475 -17.94 -16.68 6.28
C HIS A 475 -17.59 -15.24 6.32
N TRP A 476 -16.62 -14.82 7.08
CA TRP A 476 -16.19 -13.43 7.11
C TRP A 476 -14.69 -13.49 7.34
N ARG A 477 -13.95 -12.80 6.49
CA ARG A 477 -12.49 -12.91 6.44
C ARG A 477 -11.85 -11.56 6.47
N PRO A 478 -11.34 -11.14 7.62
CA PRO A 478 -10.80 -9.78 7.75
C PRO A 478 -9.34 -9.68 7.33
N ILE A 479 -9.14 -9.83 6.04
CA ILE A 479 -7.81 -9.76 5.41
C ILE A 479 -7.75 -8.65 4.34
N SER A 480 -8.82 -7.86 4.17
CA SER A 480 -8.98 -6.72 3.25
C SER A 480 -8.54 -7.06 1.84
N PHE A 481 -9.07 -8.17 1.32
CA PHE A 481 -8.70 -8.64 -0.01
C PHE A 481 -9.36 -7.80 -1.11
OP2 LAO B . 5.41 -2.97 -0.13
P LAO B . 4.91 -2.58 1.23
OP1 LAO B . 4.54 -3.62 2.18
OP3 LAO B . 6.09 -1.65 1.63
O2 LAO B . 3.64 -1.65 0.92
C2 LAO B . 3.60 -0.64 0.00
C3 LAO B . 3.76 0.72 0.73
O3 LAO B . 5.15 0.89 1.11
C4 LAO B . 3.36 1.93 -0.16
O4 LAO B . 4.23 1.95 -1.23
C5 LAO B . 1.99 1.71 -0.72
O5 LAO B . 1.91 0.45 -1.39
C1 LAO B . 2.16 -0.71 -0.58
O1 LAO B . 2.01 -1.70 -1.44
H2 LAO B . 4.35 -0.75 -0.80
H3 LAO B . 3.07 0.70 1.62
HO3 LAO B . 5.25 0.46 1.96
H4 LAO B . 3.36 2.87 0.44
HO4 LAO B . 4.06 2.72 -1.75
H51 LAO B . 1.20 1.81 0.06
H52 LAO B . 1.82 2.48 -1.51
HO1 LAO B . 2.37 -2.51 -1.13
OP2 VDF C . 5.41 -2.97 -0.13
P VDF C . 4.91 -2.58 1.23
OP1 VDF C . 4.54 -3.62 2.18
OP3 VDF C . 6.09 -1.65 1.63
O2 VDF C . 3.64 -1.65 0.92
C2 VDF C . 3.60 -0.64 0.00
C3 VDF C . 3.76 0.72 0.73
O3 VDF C . 5.15 0.89 1.11
C4 VDF C . 3.36 1.93 -0.16
O4 VDF C . 4.23 1.95 -1.23
C5 VDF C . 1.99 1.71 -0.72
O5 VDF C . 1.91 0.45 -1.39
C1 VDF C . 2.16 -0.71 -0.58
O1 VDF C . 1.22 -0.92 0.41
H2 VDF C . 4.35 -0.75 -0.80
H3 VDF C . 3.07 0.70 1.62
HO3 VDF C . 5.25 0.46 1.96
H4 VDF C . 3.36 2.87 0.44
HO4 VDF C . 4.06 2.72 -1.75
H51 VDF C . 1.20 1.81 0.06
H52 VDF C . 1.82 2.48 -1.51
HO1 VDF C . 1.24 -0.28 1.10
C1 EDO D . -1.01 -10.32 -19.10
O1 EDO D . 0.34 -9.96 -18.84
C2 EDO D . -1.83 -9.14 -19.49
O2 EDO D . -3.20 -9.44 -19.26
H11 EDO D . -1.42 -10.80 -18.20
H12 EDO D . -1.00 -11.05 -19.91
HO1 EDO D . 0.76 -10.72 -18.40
H21 EDO D . -1.71 -8.93 -20.55
H22 EDO D . -1.55 -8.26 -18.91
HO2 EDO D . -3.68 -8.60 -19.27
#